data_5M0Y
#
_entry.id   5M0Y
#
_cell.length_a   43.408
_cell.length_b   63.741
_cell.length_c   141.196
_cell.angle_alpha   90.00
_cell.angle_beta   90.00
_cell.angle_gamma   90.00
#
_symmetry.space_group_name_H-M   'P 21 21 21'
#
loop_
_entity.id
_entity.type
_entity.pdbx_description
1 polymer 'Ig domain protein group 2 domain protein'
2 polymer 'Cellulosome anchoring protein cohesin region'
3 non-polymer 'CALCIUM ION'
4 non-polymer 'SULFATE ION'
5 non-polymer GLYCEROL
6 non-polymer 1,2-ETHANEDIOL
7 non-polymer 'TRIETHYLENE GLYCOL'
8 non-polymer 'HEXAETHYLENE GLYCOL'
9 water water
#
loop_
_entity_poly.entity_id
_entity_poly.type
_entity_poly.pdbx_seq_one_letter_code
_entity_poly.pdbx_strand_id
1 'polypeptide(L)'
;MNNDSTDKTTVSGYISVDFDYPPESESKIKSGFNVKVAGTELSTKTDEKGYFEISGIPGDMREFTLEISKRNYLKRNVTV
NGTGKLVVSTEDNPLILWAGDVERKGVQDNAINMVDVMEISKVFGTRAGDEEYVAELDLNMDGAINLFDIAIVIRHFNAL
PSRY
;
B
2 'polypeptide(L)'
;MASRADKASSIELKFDRNKGEVGDILIGTVRINNIKNFAGFQVNIVYDPKVLMAVDPETGKEFTSSTFPPGRTVLKNNAY
GPIQIADNDPEKGILNFALAYSYIAGYKETGVTEESGIIAKIGFKILQKKSTAVKFQDTLSMPGAILGTQLFDWDGEVIT
GYEVIQPDVLSLGDEPYEVEHHHHHH
;
A
#
# COMPACT_ATOMS: atom_id res chain seq x y z
N LYS A 8 41.09 -7.12 8.58
CA LYS A 8 39.76 -6.53 8.28
C LYS A 8 38.95 -7.37 7.28
N THR A 9 37.67 -7.05 7.17
CA THR A 9 36.72 -7.76 6.32
C THR A 9 36.25 -6.82 5.22
N THR A 10 36.11 -7.35 4.00
CA THR A 10 35.54 -6.64 2.87
C THR A 10 34.28 -7.38 2.45
N VAL A 11 33.22 -6.60 2.19
CA VAL A 11 31.96 -7.17 1.72
C VAL A 11 31.62 -6.52 0.37
N SER A 12 31.14 -7.31 -0.58
CA SER A 12 30.77 -6.79 -1.89
C SER A 12 29.56 -7.55 -2.44
N GLY A 13 28.98 -6.99 -3.49
CA GLY A 13 27.78 -7.57 -4.07
C GLY A 13 27.16 -6.68 -5.11
N TYR A 14 26.01 -7.12 -5.59
CA TYR A 14 25.24 -6.42 -6.59
C TYR A 14 23.83 -6.20 -6.08
N ILE A 15 23.31 -5.02 -6.35
CA ILE A 15 21.93 -4.64 -6.02
C ILE A 15 21.24 -4.32 -7.32
N SER A 16 19.95 -4.66 -7.41
CA SER A 16 19.17 -4.31 -8.59
C SER A 16 17.70 -4.20 -8.23
N VAL A 17 16.84 -4.10 -9.26
CA VAL A 17 15.40 -3.92 -9.09
C VAL A 17 14.67 -5.04 -9.82
N ASP A 18 13.38 -5.20 -9.51
CA ASP A 18 12.59 -6.30 -10.10
C ASP A 18 11.59 -5.86 -11.17
N PHE A 19 11.65 -4.60 -11.60
CA PHE A 19 10.75 -4.06 -12.62
C PHE A 19 11.48 -3.82 -13.93
N ASP A 20 10.70 -3.66 -15.00
CA ASP A 20 11.24 -3.35 -16.32
C ASP A 20 11.54 -1.86 -16.46
N TYR A 21 12.60 -1.55 -17.19
CA TYR A 21 13.04 -0.19 -17.42
C TYR A 21 13.73 -0.13 -18.78
N PRO A 22 13.82 1.07 -19.38
CA PRO A 22 14.52 1.14 -20.67
C PRO A 22 16.01 0.83 -20.51
N PRO A 23 16.60 0.02 -21.43
CA PRO A 23 18.05 -0.26 -21.35
C PRO A 23 18.93 0.98 -21.13
N GLU A 24 18.55 2.08 -21.78
CA GLU A 24 19.26 3.37 -21.67
C GLU A 24 19.35 3.92 -20.23
N SER A 25 18.39 3.54 -19.38
CA SER A 25 18.35 4.01 -18.00
C SER A 25 19.09 3.12 -16.98
N GLU A 26 19.69 2.02 -17.44
CA GLU A 26 20.33 1.04 -16.53
C GLU A 26 21.31 1.68 -15.52
N SER A 27 22.14 2.60 -16.01
CA SER A 27 23.16 3.26 -15.20
C SER A 27 22.60 3.98 -13.98
N LYS A 28 21.48 4.68 -14.17
CA LYS A 28 20.81 5.40 -13.09
C LYS A 28 19.95 4.50 -12.19
N ILE A 29 19.34 3.48 -12.78
CA ILE A 29 18.56 2.47 -12.04
C ILE A 29 19.43 1.72 -11.02
N LYS A 30 20.61 1.29 -11.46
CA LYS A 30 21.47 0.44 -10.64
C LYS A 30 22.38 1.22 -9.70
N SER A 31 22.65 2.49 -9.98
CA SER A 31 23.50 3.31 -9.11
C SER A 31 22.72 3.97 -7.98
N GLY A 32 23.44 4.41 -6.96
CA GLY A 32 22.87 5.22 -5.88
C GLY A 32 22.18 4.48 -4.75
N PHE A 33 22.29 3.15 -4.71
CA PHE A 33 21.84 2.40 -3.54
C PHE A 33 22.89 2.55 -2.46
N ASN A 34 22.48 3.07 -1.31
CA ASN A 34 23.37 3.22 -0.17
C ASN A 34 23.48 1.89 0.56
N VAL A 35 24.70 1.50 0.92
CA VAL A 35 24.95 0.31 1.71
C VAL A 35 25.80 0.71 2.90
N LYS A 36 25.31 0.44 4.10
CA LYS A 36 25.97 0.82 5.35
C LYS A 36 26.11 -0.39 6.26
N VAL A 37 27.24 -0.48 6.95
CA VAL A 37 27.42 -1.52 7.96
C VAL A 37 26.88 -0.97 9.26
N ALA A 38 25.83 -1.59 9.80
CA ALA A 38 25.16 -1.09 11.00
C ALA A 38 26.11 -0.96 12.19
N GLY A 39 25.96 0.12 12.95
CA GLY A 39 26.81 0.40 14.11
C GLY A 39 28.18 0.98 13.80
N THR A 40 28.41 1.36 12.55
CA THR A 40 29.70 1.90 12.11
C THR A 40 29.49 3.11 11.20
N GLU A 41 30.59 3.75 10.80
CA GLU A 41 30.58 4.81 9.81
C GLU A 41 30.98 4.32 8.41
N LEU A 42 31.02 2.99 8.21
CA LEU A 42 31.42 2.40 6.93
C LEU A 42 30.22 2.35 5.98
N SER A 43 30.34 3.01 4.84
CA SER A 43 29.27 3.00 3.85
C SER A 43 29.78 3.28 2.44
N THR A 44 28.94 2.98 1.47
CA THR A 44 29.21 3.27 0.07
C THR A 44 27.89 3.37 -0.70
N LYS A 45 27.98 3.78 -1.95
CA LYS A 45 26.84 3.78 -2.86
C LYS A 45 27.18 2.92 -4.06
N THR A 46 26.18 2.25 -4.64
CA THR A 46 26.42 1.41 -5.80
C THR A 46 26.80 2.22 -7.04
N ASP A 47 27.59 1.61 -7.90
CA ASP A 47 27.98 2.22 -9.18
C ASP A 47 26.94 1.92 -10.26
N GLU A 48 27.23 2.25 -11.52
CA GLU A 48 26.27 2.10 -12.62
C GLU A 48 25.94 0.64 -13.01
N LYS A 49 26.68 -0.34 -12.48
CA LYS A 49 26.33 -1.76 -12.64
C LYS A 49 25.64 -2.34 -11.41
N GLY A 50 25.37 -1.51 -10.39
CA GLY A 50 24.79 -1.98 -9.14
C GLY A 50 25.77 -2.62 -8.19
N TYR A 51 27.06 -2.45 -8.46
CA TYR A 51 28.09 -3.06 -7.63
C TYR A 51 28.42 -2.17 -6.43
N PHE A 52 28.61 -2.80 -5.29
CA PHE A 52 29.11 -2.11 -4.10
C PHE A 52 30.25 -2.91 -3.48
N GLU A 53 31.10 -2.20 -2.76
CA GLU A 53 32.20 -2.79 -2.02
C GLU A 53 32.49 -1.92 -0.81
N ILE A 54 32.56 -2.56 0.36
CA ILE A 54 32.92 -1.89 1.62
C ILE A 54 34.07 -2.65 2.26
N SER A 55 35.21 -1.97 2.42
CA SER A 55 36.37 -2.56 3.10
C SER A 55 36.53 -1.91 4.49
N GLY A 56 37.39 -2.52 5.31
CA GLY A 56 37.70 -2.00 6.63
C GLY A 56 36.75 -2.39 7.75
N ILE A 57 35.94 -3.42 7.54
CA ILE A 57 35.04 -3.94 8.58
C ILE A 57 35.92 -4.68 9.59
N PRO A 58 35.76 -4.41 10.90
CA PRO A 58 36.59 -5.12 11.89
C PRO A 58 36.52 -6.65 11.76
N GLY A 59 37.67 -7.31 11.84
CA GLY A 59 37.77 -8.76 11.71
C GLY A 59 37.08 -9.54 12.82
N ASP A 60 37.08 -8.98 14.02
CA ASP A 60 36.35 -9.56 15.16
C ASP A 60 34.82 -9.43 15.03
N MET A 61 34.36 -8.47 14.22
CA MET A 61 32.93 -8.29 13.93
C MET A 61 32.47 -9.38 12.96
N ARG A 62 32.28 -10.58 13.51
CA ARG A 62 31.99 -11.79 12.72
C ARG A 62 30.54 -11.86 12.23
N GLU A 63 29.63 -11.18 12.95
CA GLU A 63 28.26 -10.99 12.49
C GLU A 63 27.98 -9.50 12.38
N PHE A 64 27.46 -9.08 11.23
CA PHE A 64 27.10 -7.69 11.00
C PHE A 64 25.91 -7.57 10.06
N THR A 65 25.26 -6.41 10.10
CA THR A 65 24.08 -6.13 9.27
C THR A 65 24.40 -5.05 8.24
N LEU A 66 24.05 -5.34 7.00
CA LEU A 66 24.10 -4.35 5.93
C LEU A 66 22.75 -3.68 5.82
N GLU A 67 22.74 -2.36 5.97
CA GLU A 67 21.54 -1.55 5.79
C GLU A 67 21.55 -1.02 4.36
N ILE A 68 20.60 -1.50 3.54
CA ILE A 68 20.51 -1.08 2.14
C ILE A 68 19.34 -0.11 2.01
N SER A 69 19.58 1.02 1.36
CA SER A 69 18.56 2.06 1.22
C SER A 69 18.76 2.87 -0.06
N LYS A 70 17.67 3.49 -0.51
CA LYS A 70 17.73 4.46 -1.59
C LYS A 70 16.48 5.32 -1.51
N ARG A 71 16.59 6.59 -1.88
CA ARG A 71 15.44 7.49 -1.88
C ARG A 71 14.28 6.83 -2.63
N ASN A 72 13.13 6.78 -1.96
CA ASN A 72 11.90 6.21 -2.51
C ASN A 72 11.86 4.67 -2.66
N TYR A 73 12.82 3.98 -2.04
CA TYR A 73 12.81 2.52 -1.96
C TYR A 73 12.55 2.05 -0.54
N LEU A 74 11.94 0.87 -0.44
CA LEU A 74 11.71 0.24 0.85
C LEU A 74 13.05 -0.29 1.35
N LYS A 75 13.49 0.21 2.50
CA LYS A 75 14.80 -0.18 3.05
C LYS A 75 14.86 -1.67 3.36
N ARG A 76 16.07 -2.22 3.30
CA ARG A 76 16.29 -3.63 3.54
C ARG A 76 17.54 -3.83 4.38
N ASN A 77 17.45 -4.70 5.39
CA ASN A 77 18.59 -5.12 6.18
C ASN A 77 18.94 -6.56 5.85
N VAL A 78 20.24 -6.82 5.70
CA VAL A 78 20.75 -8.14 5.38
C VAL A 78 21.83 -8.48 6.39
N THR A 79 21.66 -9.59 7.09
CA THR A 79 22.64 -10.05 8.06
C THR A 79 23.68 -10.90 7.36
N VAL A 80 24.95 -10.66 7.70
CA VAL A 80 26.09 -11.34 7.10
C VAL A 80 26.90 -11.99 8.22
N ASN A 81 27.25 -13.26 8.03
CA ASN A 81 28.06 -14.01 8.98
C ASN A 81 29.36 -14.40 8.28
N GLY A 82 30.49 -13.98 8.85
CA GLY A 82 31.81 -14.39 8.36
C GLY A 82 32.88 -13.33 8.48
N THR A 83 34.06 -13.67 8.00
CA THR A 83 35.22 -12.77 7.94
C THR A 83 35.95 -12.97 6.63
N GLY A 84 36.75 -11.98 6.23
CA GLY A 84 37.56 -12.04 5.01
C GLY A 84 36.91 -11.30 3.86
N LYS A 85 37.00 -11.88 2.66
CA LYS A 85 36.39 -11.32 1.46
C LYS A 85 35.03 -11.98 1.27
N LEU A 86 33.96 -11.27 1.63
CA LEU A 86 32.61 -11.83 1.62
C LEU A 86 31.80 -11.29 0.44
N VAL A 87 31.06 -12.18 -0.22
CA VAL A 87 30.21 -11.82 -1.35
C VAL A 87 28.77 -12.11 -0.93
N VAL A 88 27.93 -11.08 -0.88
CA VAL A 88 26.52 -11.25 -0.45
C VAL A 88 25.56 -11.52 -1.61
N SER A 89 25.97 -11.18 -2.83
CA SER A 89 25.19 -11.45 -4.03
C SER A 89 26.05 -11.35 -5.28
N THR A 90 25.52 -11.84 -6.40
CA THR A 90 26.21 -11.81 -7.68
C THR A 90 25.41 -11.02 -8.70
N GLU A 91 26.06 -10.64 -9.79
CA GLU A 91 25.42 -9.81 -10.81
C GLU A 91 24.22 -10.52 -11.48
N ASP A 92 24.33 -11.84 -11.65
CA ASP A 92 23.25 -12.65 -12.22
C ASP A 92 22.09 -12.96 -11.25
N ASN A 93 22.35 -12.83 -9.94
CA ASN A 93 21.31 -13.00 -8.93
C ASN A 93 21.50 -11.91 -7.85
N PRO A 94 21.18 -10.65 -8.20
CA PRO A 94 21.44 -9.52 -7.31
C PRO A 94 20.49 -9.47 -6.12
N LEU A 95 20.88 -8.74 -5.08
CA LEU A 95 19.96 -8.39 -4.00
C LEU A 95 18.95 -7.40 -4.58
N ILE A 96 17.67 -7.66 -4.36
CA ILE A 96 16.60 -6.82 -4.89
C ILE A 96 16.09 -5.86 -3.82
N LEU A 97 15.93 -4.60 -4.20
CA LEU A 97 15.25 -3.59 -3.36
C LEU A 97 14.02 -3.15 -4.13
N TRP A 98 12.90 -2.96 -3.41
CA TRP A 98 11.62 -2.63 -4.03
C TRP A 98 11.36 -1.14 -4.02
N ALA A 99 11.07 -0.58 -5.19
CA ALA A 99 10.72 0.84 -5.30
C ALA A 99 9.30 1.06 -4.78
N GLY A 100 9.09 2.23 -4.21
CA GLY A 100 7.74 2.67 -3.84
C GLY A 100 7.48 2.95 -2.38
N ASP A 101 8.50 3.01 -1.52
CA ASP A 101 8.33 3.64 -0.21
C ASP A 101 8.79 5.09 -0.39
N VAL A 102 7.83 5.94 -0.75
CA VAL A 102 8.12 7.25 -1.29
C VAL A 102 8.27 8.28 -0.16
N GLU A 103 9.28 9.13 -0.27
CA GLU A 103 9.50 10.23 0.66
C GLU A 103 8.38 11.25 0.57
N ARG A 104 7.99 11.78 1.73
CA ARG A 104 7.15 12.96 1.83
C ARG A 104 7.81 13.87 2.83
N LYS A 105 8.16 15.09 2.39
CA LYS A 105 8.92 16.04 3.22
C LYS A 105 10.22 15.41 3.78
N GLY A 106 10.88 14.61 2.94
CA GLY A 106 12.11 13.91 3.33
C GLY A 106 11.97 12.76 4.30
N VAL A 107 10.76 12.21 4.47
CA VAL A 107 10.51 11.14 5.44
C VAL A 107 9.78 9.97 4.78
N GLN A 108 10.29 8.76 4.98
CA GLN A 108 9.64 7.51 4.56
C GLN A 108 9.08 6.82 5.80
N ASP A 109 8.03 6.01 5.62
CA ASP A 109 7.41 5.30 6.76
C ASP A 109 7.65 3.78 6.77
N ASN A 110 8.54 3.30 5.91
CA ASN A 110 8.94 1.89 5.91
C ASN A 110 7.78 0.93 5.63
N ALA A 111 6.87 1.38 4.76
CA ALA A 111 5.77 0.56 4.26
C ALA A 111 5.46 1.01 2.85
N ILE A 112 5.08 0.08 1.98
CA ILE A 112 4.60 0.45 0.64
C ILE A 112 3.08 0.33 0.67
N ASN A 113 2.37 1.43 0.44
CA ASN A 113 0.90 1.38 0.49
C ASN A 113 0.30 2.55 -0.29
N MET A 114 -0.98 2.84 -0.05
CA MET A 114 -1.67 3.86 -0.86
C MET A 114 -1.10 5.26 -0.68
N VAL A 115 -0.52 5.56 0.47
CA VAL A 115 0.12 6.86 0.69
C VAL A 115 1.19 7.08 -0.39
N ASP A 116 1.92 6.02 -0.71
CA ASP A 116 2.97 6.11 -1.75
C ASP A 116 2.42 6.29 -3.14
N VAL A 117 1.36 5.56 -3.47
CA VAL A 117 0.65 5.71 -4.74
C VAL A 117 0.20 7.16 -4.92
N MET A 118 -0.37 7.73 -3.87
CA MET A 118 -0.89 9.10 -3.96
C MET A 118 0.20 10.17 -4.07
N GLU A 119 1.39 9.89 -3.56
CA GLU A 119 2.51 10.82 -3.73
C GLU A 119 2.90 10.89 -5.21
N ILE A 120 2.95 9.74 -5.87
CA ILE A 120 3.24 9.68 -7.31
C ILE A 120 2.10 10.35 -8.08
N SER A 121 0.86 10.14 -7.64
CA SER A 121 -0.29 10.71 -8.32
CA SER A 121 -0.33 10.72 -8.27
C SER A 121 -0.27 12.24 -8.37
N LYS A 122 0.38 12.88 -7.41
CA LYS A 122 0.53 14.37 -7.40
C LYS A 122 1.13 14.91 -8.69
N VAL A 123 2.00 14.13 -9.31
CA VAL A 123 2.68 14.53 -10.56
C VAL A 123 2.37 13.58 -11.72
N PHE A 124 1.18 12.99 -11.70
CA PHE A 124 0.75 12.06 -12.72
C PHE A 124 0.65 12.75 -14.07
N GLY A 125 1.14 12.07 -15.10
CA GLY A 125 1.12 12.59 -16.47
C GLY A 125 2.20 13.59 -16.82
N THR A 126 3.15 13.85 -15.92
CA THR A 126 4.26 14.76 -16.21
C THR A 126 5.34 14.03 -16.99
N ARG A 127 6.13 14.80 -17.72
CA ARG A 127 7.24 14.26 -18.53
C ARG A 127 8.50 15.06 -18.24
N ALA A 128 9.66 14.42 -18.41
CA ALA A 128 10.95 15.09 -18.24
C ALA A 128 10.97 16.35 -19.10
N GLY A 129 11.33 17.47 -18.48
CA GLY A 129 11.25 18.79 -19.11
C GLY A 129 10.17 19.66 -18.50
N ASP A 130 9.09 19.03 -18.01
CA ASP A 130 8.01 19.77 -17.34
C ASP A 130 8.46 20.36 -16.01
N GLU A 131 7.86 21.50 -15.67
CA GLU A 131 8.07 22.17 -14.39
C GLU A 131 7.80 21.22 -13.23
N GLU A 132 6.71 20.46 -13.30
CA GLU A 132 6.26 19.64 -12.17
C GLU A 132 6.74 18.18 -12.19
N TYR A 133 7.42 17.75 -13.25
CA TYR A 133 8.07 16.43 -13.25
C TYR A 133 9.12 16.36 -12.14
N VAL A 134 9.10 15.25 -11.40
CA VAL A 134 10.04 15.00 -10.30
C VAL A 134 10.77 13.71 -10.64
N ALA A 135 12.06 13.82 -10.94
CA ALA A 135 12.86 12.68 -11.41
C ALA A 135 12.79 11.47 -10.49
N GLU A 136 12.81 11.71 -9.18
CA GLU A 136 12.87 10.65 -8.17
C GLU A 136 11.54 9.88 -8.05
N LEU A 137 10.45 10.48 -8.55
CA LEU A 137 9.15 9.80 -8.61
C LEU A 137 8.91 9.06 -9.93
N ASP A 138 9.77 9.29 -10.93
CA ASP A 138 9.78 8.50 -12.16
C ASP A 138 10.53 7.21 -11.85
N LEU A 139 9.82 6.25 -11.28
CA LEU A 139 10.45 5.07 -10.68
C LEU A 139 11.20 4.20 -11.70
N ASN A 140 10.63 4.01 -12.89
CA ASN A 140 11.33 3.25 -13.96
C ASN A 140 12.26 4.11 -14.84
N MET A 141 12.33 5.41 -14.53
CA MET A 141 13.27 6.35 -15.14
CA MET A 141 13.28 6.34 -15.14
C MET A 141 13.18 6.35 -16.68
N ASP A 142 11.94 6.38 -17.18
CA ASP A 142 11.66 6.39 -18.62
C ASP A 142 11.26 7.78 -19.15
N GLY A 143 11.34 8.81 -18.29
CA GLY A 143 11.04 10.18 -18.69
C GLY A 143 9.58 10.60 -18.59
N ALA A 144 8.73 9.73 -18.02
CA ALA A 144 7.32 10.07 -17.80
C ALA A 144 6.88 9.50 -16.45
N ILE A 145 5.99 10.21 -15.76
CA ILE A 145 5.36 9.68 -14.54
C ILE A 145 3.94 9.32 -14.88
N ASN A 146 3.63 8.02 -14.80
CA ASN A 146 2.37 7.51 -15.30
C ASN A 146 2.01 6.17 -14.66
N LEU A 147 1.08 5.42 -15.25
CA LEU A 147 0.58 4.20 -14.63
C LEU A 147 1.61 3.08 -14.48
N PHE A 148 2.65 3.07 -15.32
CA PHE A 148 3.75 2.09 -15.12
C PHE A 148 4.46 2.30 -13.79
N ASP A 149 4.65 3.56 -13.40
CA ASP A 149 5.29 3.89 -12.11
C ASP A 149 4.39 3.49 -10.94
N ILE A 150 3.09 3.79 -11.07
CA ILE A 150 2.12 3.38 -10.07
C ILE A 150 2.03 1.85 -9.96
N ALA A 151 2.06 1.15 -11.10
CA ALA A 151 2.02 -0.31 -11.11
C ALA A 151 3.21 -0.94 -10.38
N ILE A 152 4.38 -0.30 -10.45
CA ILE A 152 5.57 -0.76 -9.72
C ILE A 152 5.30 -0.74 -8.21
N VAL A 153 4.72 0.35 -7.73
CA VAL A 153 4.37 0.47 -6.31
C VAL A 153 3.39 -0.64 -5.92
N ILE A 154 2.35 -0.82 -6.73
CA ILE A 154 1.28 -1.76 -6.44
C ILE A 154 1.79 -3.21 -6.43
N ARG A 155 2.80 -3.52 -7.24
CA ARG A 155 3.38 -4.86 -7.24
C ARG A 155 3.77 -5.34 -5.83
N HIS A 156 4.26 -4.42 -4.99
CA HIS A 156 4.63 -4.75 -3.60
C HIS A 156 3.76 -4.01 -2.59
N PHE A 157 2.48 -3.90 -2.92
CA PHE A 157 1.51 -3.23 -2.04
C PHE A 157 1.46 -3.90 -0.67
N ASN A 158 1.44 -3.07 0.36
CA ASN A 158 1.45 -3.48 1.77
C ASN A 158 2.75 -4.12 2.28
N ALA A 159 3.82 -4.05 1.49
CA ALA A 159 5.11 -4.62 1.89
C ALA A 159 5.74 -3.85 3.04
N LEU A 160 6.37 -4.59 3.95
CA LEU A 160 7.20 -4.05 5.01
C LEU A 160 8.60 -4.64 4.83
N PRO A 161 9.65 -4.06 5.46
CA PRO A 161 11.00 -4.61 5.26
C PRO A 161 11.16 -6.08 5.65
N SER A 162 10.35 -6.56 6.59
CA SER A 162 10.31 -7.98 6.97
C SER A 162 9.85 -8.93 5.87
N ARG A 163 9.15 -8.43 4.85
CA ARG A 163 8.67 -9.27 3.73
C ARG A 163 9.73 -9.60 2.66
N TYR A 164 10.90 -8.96 2.71
CA TYR A 164 11.99 -9.31 1.77
C TYR A 164 12.45 -10.76 1.93
N ASP B 6 -25.35 15.08 9.75
CA ASP B 6 -24.36 15.73 10.67
C ASP B 6 -23.66 16.94 10.07
N LYS B 7 -23.32 16.86 8.78
CA LYS B 7 -22.26 17.66 8.14
C LYS B 7 -20.85 17.21 8.57
N ALA B 8 -20.78 16.24 9.48
CA ALA B 8 -19.53 15.83 10.10
C ALA B 8 -18.93 14.79 9.20
N SER B 9 -17.60 14.76 9.21
CA SER B 9 -16.87 13.92 8.29
C SER B 9 -16.74 12.53 8.89
N SER B 10 -17.03 11.50 8.09
CA SER B 10 -16.84 10.14 8.53
C SER B 10 -16.64 9.17 7.39
N ILE B 11 -16.04 8.05 7.74
CA ILE B 11 -16.13 6.82 6.96
C ILE B 11 -16.93 5.85 7.82
N GLU B 12 -17.82 5.08 7.19
N GLU B 12 -17.81 5.08 7.18
CA GLU B 12 -18.75 4.21 7.91
CA GLU B 12 -18.67 4.17 7.89
C GLU B 12 -18.90 2.88 7.21
C GLU B 12 -18.71 2.84 7.19
N LEU B 13 -18.92 1.80 7.99
CA LEU B 13 -19.30 0.47 7.51
C LEU B 13 -20.60 0.13 8.22
N LYS B 14 -21.66 -0.11 7.47
CA LYS B 14 -22.94 -0.51 8.07
C LYS B 14 -23.54 -1.69 7.34
N PHE B 15 -24.21 -2.54 8.11
CA PHE B 15 -24.86 -3.71 7.57
C PHE B 15 -26.33 -3.44 7.35
N ASP B 16 -26.90 -4.11 6.36
CA ASP B 16 -28.34 -4.04 6.12
C ASP B 16 -29.14 -4.67 7.26
N ARG B 17 -28.61 -5.75 7.85
CA ARG B 17 -29.17 -6.39 9.06
C ARG B 17 -28.02 -6.90 9.95
N ASN B 18 -28.24 -7.01 11.27
CA ASN B 18 -27.22 -7.56 12.19
C ASN B 18 -27.57 -8.93 12.79
N LYS B 19 -28.64 -9.53 12.28
CA LYS B 19 -29.07 -10.87 12.67
C LYS B 19 -29.33 -11.68 11.40
N GLY B 20 -29.19 -12.99 11.50
CA GLY B 20 -29.49 -13.86 10.38
C GLY B 20 -29.37 -15.32 10.70
N GLU B 21 -29.79 -16.15 9.74
CA GLU B 21 -29.63 -17.59 9.80
C GLU B 21 -28.43 -18.01 8.97
N VAL B 22 -27.95 -19.22 9.23
CA VAL B 22 -26.82 -19.79 8.49
C VAL B 22 -27.15 -19.78 7.00
N GLY B 23 -26.20 -19.30 6.19
CA GLY B 23 -26.38 -19.21 4.74
C GLY B 23 -26.93 -17.89 4.23
N ASP B 24 -27.44 -17.04 5.12
CA ASP B 24 -27.84 -15.68 4.73
C ASP B 24 -26.57 -14.89 4.40
N ILE B 25 -26.70 -13.96 3.45
CA ILE B 25 -25.61 -13.03 3.11
C ILE B 25 -26.01 -11.64 3.59
N LEU B 26 -25.30 -11.16 4.60
CA LEU B 26 -25.48 -9.79 5.11
C LEU B 26 -24.60 -8.88 4.29
N ILE B 27 -25.13 -7.72 3.89
CA ILE B 27 -24.41 -6.79 3.03
C ILE B 27 -23.82 -5.68 3.89
N GLY B 28 -22.49 -5.56 3.88
CA GLY B 28 -21.78 -4.46 4.53
C GLY B 28 -21.45 -3.40 3.50
N THR B 29 -21.95 -2.19 3.70
CA THR B 29 -21.73 -1.08 2.78
C THR B 29 -20.77 -0.09 3.43
N VAL B 30 -19.67 0.19 2.73
CA VAL B 30 -18.68 1.16 3.17
C VAL B 30 -19.00 2.48 2.49
N ARG B 31 -19.25 3.50 3.29
N ARG B 31 -19.22 3.52 3.28
CA ARG B 31 -19.60 4.83 2.80
CA ARG B 31 -19.65 4.82 2.77
C ARG B 31 -18.62 5.87 3.31
C ARG B 31 -18.76 5.92 3.37
N ILE B 32 -18.52 6.98 2.59
CA ILE B 32 -17.87 8.19 3.10
C ILE B 32 -18.92 9.27 3.18
N ASN B 33 -18.77 10.15 4.17
CA ASN B 33 -19.73 11.24 4.39
C ASN B 33 -18.94 12.53 4.59
N ASN B 34 -19.18 13.51 3.74
CA ASN B 34 -18.63 14.86 3.90
C ASN B 34 -17.10 14.89 4.04
N ILE B 35 -16.42 14.11 3.22
CA ILE B 35 -14.95 14.09 3.22
C ILE B 35 -14.51 15.11 2.18
N LYS B 36 -13.94 16.22 2.66
CA LYS B 36 -13.63 17.35 1.79
C LYS B 36 -12.62 16.97 0.71
N ASN B 37 -12.98 17.23 -0.55
CA ASN B 37 -12.11 17.05 -1.71
C ASN B 37 -11.57 15.61 -1.82
N PHE B 38 -12.42 14.67 -1.43
CA PHE B 38 -12.08 13.24 -1.41
C PHE B 38 -11.65 12.73 -2.76
N ALA B 39 -10.49 12.07 -2.79
CA ALA B 39 -9.94 11.51 -4.03
C ALA B 39 -9.56 10.04 -3.97
N GLY B 40 -9.58 9.41 -2.79
CA GLY B 40 -9.17 8.03 -2.69
C GLY B 40 -9.03 7.54 -1.26
N PHE B 41 -8.79 6.24 -1.13
CA PHE B 41 -8.75 5.60 0.17
C PHE B 41 -7.97 4.31 0.14
N GLN B 42 -7.58 3.86 1.32
CA GLN B 42 -7.21 2.47 1.57
C GLN B 42 -7.86 2.10 2.89
N VAL B 43 -8.44 0.90 2.97
CA VAL B 43 -9.03 0.42 4.23
C VAL B 43 -8.60 -0.99 4.52
N ASN B 44 -8.57 -1.31 5.80
CA ASN B 44 -8.27 -2.62 6.34
C ASN B 44 -9.43 -3.01 7.25
N ILE B 45 -10.16 -4.06 6.86
CA ILE B 45 -11.38 -4.51 7.54
C ILE B 45 -11.14 -5.95 7.97
N VAL B 46 -11.45 -6.25 9.24
CA VAL B 46 -11.23 -7.61 9.77
C VAL B 46 -12.55 -8.26 10.19
N TYR B 47 -12.56 -9.59 10.09
CA TYR B 47 -13.72 -10.40 10.46
C TYR B 47 -13.23 -11.77 10.89
N ASP B 48 -14.12 -12.56 11.46
CA ASP B 48 -13.79 -13.91 11.89
C ASP B 48 -14.19 -14.86 10.76
N PRO B 49 -13.20 -15.44 10.05
CA PRO B 49 -13.50 -16.26 8.89
C PRO B 49 -14.13 -17.63 9.21
N LYS B 50 -14.12 -18.02 10.49
CA LYS B 50 -14.84 -19.21 10.94
C LYS B 50 -16.34 -18.96 11.12
N VAL B 51 -16.73 -17.67 11.27
CA VAL B 51 -18.14 -17.27 11.45
C VAL B 51 -18.75 -16.67 10.19
N LEU B 52 -17.96 -15.90 9.43
CA LEU B 52 -18.44 -15.25 8.22
C LEU B 52 -17.50 -15.50 7.05
N MET B 53 -18.06 -15.61 5.85
CA MET B 53 -17.28 -15.70 4.62
C MET B 53 -17.57 -14.49 3.76
N ALA B 54 -16.51 -13.77 3.38
CA ALA B 54 -16.65 -12.60 2.51
C ALA B 54 -16.96 -13.06 1.10
N VAL B 55 -18.05 -12.52 0.53
CA VAL B 55 -18.51 -12.89 -0.81
C VAL B 55 -18.85 -11.62 -1.59
N ASP B 56 -18.63 -11.69 -2.89
CA ASP B 56 -18.88 -10.58 -3.79
C ASP B 56 -20.38 -10.55 -4.07
N PRO B 57 -21.07 -9.47 -3.67
CA PRO B 57 -22.52 -9.41 -3.86
C PRO B 57 -22.95 -9.16 -5.32
N GLU B 58 -22.00 -8.88 -6.21
CA GLU B 58 -22.28 -8.66 -7.63
C GLU B 58 -22.03 -9.92 -8.46
N THR B 59 -20.85 -10.51 -8.30
CA THR B 59 -20.45 -11.70 -9.09
C THR B 59 -20.92 -13.00 -8.46
N GLY B 60 -21.24 -12.98 -7.16
CA GLY B 60 -21.54 -14.20 -6.41
C GLY B 60 -20.35 -15.06 -6.03
N LYS B 61 -19.13 -14.59 -6.29
CA LYS B 61 -17.93 -15.36 -5.98
C LYS B 61 -17.47 -15.08 -4.55
N GLU B 62 -16.81 -16.07 -3.95
CA GLU B 62 -16.16 -15.88 -2.67
C GLU B 62 -14.97 -14.95 -2.87
N PHE B 63 -14.70 -14.09 -1.89
CA PHE B 63 -13.55 -13.18 -1.97
C PHE B 63 -12.24 -13.94 -2.00
N THR B 64 -11.34 -13.52 -2.89
CA THR B 64 -9.96 -13.96 -2.92
C THR B 64 -9.08 -12.76 -2.62
N SER B 65 -7.77 -12.97 -2.61
CA SER B 65 -6.82 -11.90 -2.34
C SER B 65 -6.96 -10.71 -3.30
N SER B 66 -7.32 -10.98 -4.55
CA SER B 66 -7.40 -9.92 -5.57
C SER B 66 -8.82 -9.39 -5.83
N THR B 67 -9.80 -9.75 -5.02
CA THR B 67 -11.17 -9.30 -5.23
C THR B 67 -11.34 -7.85 -4.77
N PHE B 68 -11.60 -6.96 -5.71
CA PHE B 68 -11.99 -5.60 -5.37
C PHE B 68 -13.51 -5.50 -5.17
N PRO B 69 -13.97 -4.96 -4.03
CA PRO B 69 -15.41 -4.97 -3.78
C PRO B 69 -16.18 -4.08 -4.75
N PRO B 70 -17.36 -4.53 -5.19
CA PRO B 70 -18.17 -3.74 -6.09
C PRO B 70 -19.01 -2.70 -5.35
N GLY B 71 -19.78 -1.93 -6.11
CA GLY B 71 -20.87 -1.14 -5.56
C GLY B 71 -20.64 0.34 -5.34
N ARG B 72 -19.45 0.85 -5.63
CA ARG B 72 -19.19 2.26 -5.39
C ARG B 72 -20.08 3.17 -6.24
N THR B 73 -20.40 4.33 -5.67
CA THR B 73 -21.11 5.39 -6.37
C THR B 73 -20.24 6.64 -6.55
N VAL B 74 -19.00 6.59 -6.10
CA VAL B 74 -18.03 7.68 -6.27
C VAL B 74 -16.73 7.10 -6.81
N LEU B 75 -15.83 7.98 -7.22
CA LEU B 75 -14.55 7.61 -7.82
C LEU B 75 -14.74 6.73 -9.06
N LYS B 76 -15.77 7.05 -9.84
CA LYS B 76 -16.13 6.30 -11.05
C LYS B 76 -15.76 7.02 -12.35
N ASN B 77 -15.36 8.28 -12.27
CA ASN B 77 -15.15 9.08 -13.49
C ASN B 77 -13.81 8.72 -14.13
N ASN B 78 -13.86 8.03 -15.27
CA ASN B 78 -12.65 7.54 -15.92
C ASN B 78 -11.75 8.66 -16.44
N ALA B 79 -12.30 9.88 -16.57
CA ALA B 79 -11.52 11.07 -16.92
C ALA B 79 -10.33 11.31 -15.97
N TYR B 80 -10.45 10.85 -14.73
CA TYR B 80 -9.38 11.02 -13.73
C TYR B 80 -8.61 9.76 -13.40
N GLY B 81 -8.75 8.71 -14.21
CA GLY B 81 -7.96 7.49 -14.06
C GLY B 81 -8.09 6.75 -12.73
N PRO B 82 -9.31 6.30 -12.39
CA PRO B 82 -9.46 5.53 -11.15
C PRO B 82 -8.67 4.23 -11.21
N ILE B 83 -8.01 3.90 -10.10
CA ILE B 83 -7.16 2.70 -9.99
CA ILE B 83 -7.22 2.68 -10.01
C ILE B 83 -7.62 1.89 -8.78
N GLN B 84 -7.94 0.61 -9.00
CA GLN B 84 -8.34 -0.32 -7.94
C GLN B 84 -7.15 -1.17 -7.52
N ILE B 85 -7.04 -1.43 -6.22
CA ILE B 85 -6.02 -2.31 -5.66
C ILE B 85 -6.70 -3.20 -4.63
N ALA B 86 -6.50 -4.52 -4.74
CA ALA B 86 -6.99 -5.47 -3.75
C ALA B 86 -5.84 -6.30 -3.21
N ASP B 87 -5.77 -6.43 -1.89
CA ASP B 87 -4.76 -7.26 -1.25
C ASP B 87 -5.38 -7.88 0.01
N ASN B 88 -6.43 -8.67 -0.21
CA ASN B 88 -7.15 -9.31 0.89
C ASN B 88 -6.42 -10.56 1.36
N ASP B 89 -6.76 -11.01 2.56
CA ASP B 89 -6.34 -12.32 3.04
C ASP B 89 -7.53 -12.97 3.74
N PRO B 90 -8.50 -13.49 2.95
CA PRO B 90 -9.74 -14.03 3.50
C PRO B 90 -9.55 -15.16 4.51
N GLU B 91 -8.55 -16.01 4.31
CA GLU B 91 -8.23 -17.09 5.26
C GLU B 91 -7.94 -16.59 6.68
N LYS B 92 -7.32 -15.41 6.79
CA LYS B 92 -7.04 -14.75 8.06
C LYS B 92 -8.11 -13.71 8.46
N GLY B 93 -9.20 -13.63 7.71
CA GLY B 93 -10.28 -12.68 7.96
C GLY B 93 -9.88 -11.22 7.76
N ILE B 94 -9.10 -10.95 6.72
CA ILE B 94 -8.61 -9.60 6.42
C ILE B 94 -9.06 -9.20 5.03
N LEU B 95 -9.74 -8.06 4.91
CA LEU B 95 -9.96 -7.40 3.63
C LEU B 95 -9.10 -6.15 3.65
N ASN B 96 -8.36 -5.93 2.57
CA ASN B 96 -7.54 -4.74 2.46
C ASN B 96 -7.55 -4.32 1.01
N PHE B 97 -8.09 -3.14 0.74
CA PHE B 97 -8.27 -2.68 -0.63
C PHE B 97 -8.23 -1.16 -0.66
N ALA B 98 -8.01 -0.65 -1.87
CA ALA B 98 -7.76 0.78 -2.06
C ALA B 98 -8.18 1.19 -3.44
N LEU B 99 -8.57 2.45 -3.57
CA LEU B 99 -8.99 3.01 -4.83
C LEU B 99 -8.80 4.50 -4.79
N ALA B 100 -8.32 5.07 -5.87
CA ALA B 100 -8.19 6.52 -5.96
C ALA B 100 -8.20 6.93 -7.41
N TYR B 101 -8.47 8.22 -7.62
CA TYR B 101 -8.13 8.82 -8.90
C TYR B 101 -6.62 9.01 -8.98
N SER B 102 -6.00 8.46 -10.02
CA SER B 102 -4.56 8.68 -10.24
C SER B 102 -4.29 10.09 -10.77
N TYR B 103 -5.22 10.63 -11.57
CA TYR B 103 -5.03 11.97 -12.11
C TYR B 103 -5.79 12.99 -11.26
N ILE B 104 -5.29 13.18 -10.05
CA ILE B 104 -5.92 14.11 -9.09
C ILE B 104 -5.89 15.57 -9.53
N ALA B 105 -4.86 15.98 -10.26
CA ALA B 105 -4.78 17.34 -10.78
C ALA B 105 -5.97 17.66 -11.71
N GLY B 106 -6.37 16.71 -12.56
CA GLY B 106 -7.55 16.90 -13.40
C GLY B 106 -8.83 17.00 -12.62
N TYR B 107 -8.97 16.10 -11.64
CA TYR B 107 -10.11 16.11 -10.73
C TYR B 107 -10.23 17.46 -10.01
N LYS B 108 -9.13 17.93 -9.46
CA LYS B 108 -9.10 19.24 -8.80
C LYS B 108 -9.44 20.39 -9.75
N GLU B 109 -8.88 20.36 -10.95
CA GLU B 109 -9.11 21.44 -11.92
C GLU B 109 -10.58 21.57 -12.30
N THR B 110 -11.27 20.45 -12.52
CA THR B 110 -12.70 20.51 -12.83
C THR B 110 -13.50 21.00 -11.63
N GLY B 111 -13.05 20.65 -10.42
CA GLY B 111 -13.58 21.24 -9.19
C GLY B 111 -14.91 20.69 -8.69
N VAL B 112 -15.39 19.60 -9.27
CA VAL B 112 -16.65 18.97 -8.87
C VAL B 112 -16.29 17.87 -7.87
N THR B 113 -16.56 18.13 -6.60
CA THR B 113 -16.11 17.24 -5.52
C THR B 113 -17.06 16.07 -5.33
N GLU B 114 -16.49 14.94 -4.92
CA GLU B 114 -17.23 13.70 -4.66
C GLU B 114 -17.01 13.34 -3.19
N GLU B 115 -17.74 14.00 -2.31
CA GLU B 115 -17.43 13.98 -0.88
C GLU B 115 -18.27 13.00 -0.07
N SER B 116 -19.36 12.49 -0.65
CA SER B 116 -20.21 11.51 0.02
C SER B 116 -20.66 10.46 -0.98
N GLY B 117 -20.71 9.21 -0.52
CA GLY B 117 -21.20 8.11 -1.35
C GLY B 117 -20.66 6.78 -0.90
N ILE B 118 -20.96 5.74 -1.67
CA ILE B 118 -20.55 4.39 -1.36
C ILE B 118 -19.20 4.13 -2.02
N ILE B 119 -18.28 3.51 -1.28
CA ILE B 119 -17.00 3.09 -1.85
C ILE B 119 -16.84 1.58 -2.02
N ALA B 120 -17.64 0.79 -1.31
CA ALA B 120 -17.56 -0.67 -1.38
C ALA B 120 -18.82 -1.30 -0.79
N LYS B 121 -19.23 -2.42 -1.40
CA LYS B 121 -20.23 -3.31 -0.80
C LYS B 121 -19.61 -4.70 -0.71
N ILE B 122 -19.73 -5.32 0.46
CA ILE B 122 -19.13 -6.62 0.72
C ILE B 122 -20.19 -7.51 1.34
N GLY B 123 -20.40 -8.69 0.76
CA GLY B 123 -21.32 -9.67 1.33
C GLY B 123 -20.61 -10.47 2.39
N PHE B 124 -21.31 -10.79 3.48
CA PHE B 124 -20.80 -11.70 4.50
C PHE B 124 -21.81 -12.83 4.71
N LYS B 125 -21.42 -14.02 4.25
CA LYS B 125 -22.23 -15.23 4.38
C LYS B 125 -22.08 -15.81 5.77
N ILE B 126 -23.20 -16.06 6.45
CA ILE B 126 -23.18 -16.59 7.81
C ILE B 126 -22.83 -18.08 7.77
N LEU B 127 -21.74 -18.44 8.42
CA LEU B 127 -21.28 -19.84 8.54
C LEU B 127 -21.81 -20.51 9.80
N GLN B 128 -21.91 -19.74 10.89
CA GLN B 128 -22.49 -20.24 12.14
C GLN B 128 -23.04 -19.09 12.98
N LYS B 129 -23.95 -19.43 13.89
CA LYS B 129 -24.65 -18.44 14.71
C LYS B 129 -23.86 -18.18 15.98
N LYS B 130 -22.76 -17.44 15.83
CA LYS B 130 -21.88 -17.04 16.91
C LYS B 130 -21.75 -15.53 16.82
N SER B 131 -21.88 -14.84 17.95
CA SER B 131 -21.79 -13.38 17.96
C SER B 131 -20.39 -12.96 17.55
N THR B 132 -20.33 -11.98 16.65
CA THR B 132 -19.08 -11.62 16.01
C THR B 132 -19.12 -10.17 15.54
N ALA B 133 -17.94 -9.65 15.22
CA ALA B 133 -17.80 -8.26 14.78
C ALA B 133 -17.02 -8.19 13.47
N VAL B 134 -17.46 -7.28 12.60
CA VAL B 134 -16.69 -6.88 11.42
C VAL B 134 -16.29 -5.43 11.68
N LYS B 135 -15.03 -5.10 11.51
CA LYS B 135 -14.57 -3.75 11.87
C LYS B 135 -13.35 -3.28 11.10
N PHE B 136 -13.25 -1.97 10.94
CA PHE B 136 -12.00 -1.33 10.54
C PHE B 136 -10.99 -1.58 11.65
N GLN B 137 -9.76 -1.96 11.29
CA GLN B 137 -8.72 -2.17 12.28
C GLN B 137 -7.36 -1.82 11.71
N ASP B 138 -6.51 -1.24 12.55
CA ASP B 138 -5.13 -0.93 12.19
C ASP B 138 -4.36 -2.17 11.74
N THR B 139 -3.37 -1.93 10.89
CA THR B 139 -2.49 -2.99 10.40
C THR B 139 -1.07 -2.45 10.30
N LEU B 140 -0.09 -3.32 10.49
CA LEU B 140 1.31 -2.91 10.38
C LEU B 140 1.67 -2.36 8.99
N SER B 141 0.94 -2.80 7.96
CA SER B 141 1.19 -2.30 6.60
CA SER B 141 1.14 -2.31 6.58
C SER B 141 0.68 -0.87 6.37
N MET B 142 -0.06 -0.30 7.33
CA MET B 142 -0.56 1.08 7.23
C MET B 142 -0.18 1.91 8.47
N PRO B 143 1.13 2.16 8.66
CA PRO B 143 1.53 2.98 9.79
C PRO B 143 0.93 4.38 9.71
N GLY B 144 0.46 4.90 10.86
CA GLY B 144 -0.16 6.21 10.91
C GLY B 144 -1.58 6.31 10.38
N ALA B 145 -2.19 5.19 9.99
CA ALA B 145 -3.58 5.21 9.55
C ALA B 145 -4.49 5.40 10.75
N ILE B 146 -5.76 5.67 10.47
CA ILE B 146 -6.77 5.94 11.49
C ILE B 146 -7.67 4.71 11.55
N LEU B 147 -7.39 3.84 12.52
CA LEU B 147 -8.07 2.54 12.65
C LEU B 147 -8.13 1.77 11.33
N GLY B 148 -7.00 1.72 10.63
CA GLY B 148 -6.91 0.99 9.39
C GLY B 148 -7.56 1.67 8.21
N THR B 149 -7.81 2.97 8.31
CA THR B 149 -8.38 3.76 7.23
C THR B 149 -7.41 4.89 6.89
N GLN B 150 -7.23 5.12 5.60
CA GLN B 150 -6.43 6.24 5.14
C GLN B 150 -7.17 6.84 3.97
N LEU B 151 -7.55 8.12 4.11
CA LEU B 151 -8.31 8.82 3.09
C LEU B 151 -7.41 9.90 2.52
N PHE B 152 -7.61 10.19 1.24
CA PHE B 152 -6.77 11.13 0.50
C PHE B 152 -7.61 12.17 -0.19
N ASP B 153 -7.07 13.38 -0.27
CA ASP B 153 -7.73 14.47 -0.98
C ASP B 153 -7.13 14.66 -2.37
N TRP B 154 -7.68 15.61 -3.11
CA TRP B 154 -7.24 15.85 -4.48
C TRP B 154 -5.91 16.61 -4.60
N ASP B 155 -5.28 16.95 -3.48
CA ASP B 155 -3.88 17.35 -3.45
C ASP B 155 -2.95 16.16 -3.24
N GLY B 156 -3.50 14.96 -3.08
CA GLY B 156 -2.72 13.75 -2.81
C GLY B 156 -2.25 13.66 -1.37
N GLU B 157 -2.87 14.42 -0.48
CA GLU B 157 -2.48 14.45 0.91
C GLU B 157 -3.42 13.59 1.76
N VAL B 158 -2.89 13.14 2.88
CA VAL B 158 -3.65 12.36 3.86
C VAL B 158 -4.64 13.28 4.55
N ILE B 159 -5.91 12.85 4.57
CA ILE B 159 -6.98 13.56 5.27
C ILE B 159 -7.05 13.01 6.69
N THR B 160 -7.18 13.90 7.66
CA THR B 160 -7.43 13.49 9.05
C THR B 160 -8.67 14.19 9.56
N GLY B 161 -9.05 13.88 10.79
CA GLY B 161 -10.11 14.60 11.47
C GLY B 161 -11.52 14.04 11.35
N TYR B 162 -11.65 12.88 10.69
CA TYR B 162 -12.95 12.25 10.45
C TYR B 162 -13.22 11.13 11.46
N GLU B 163 -14.51 10.84 11.65
CA GLU B 163 -14.95 9.74 12.52
C GLU B 163 -14.87 8.43 11.76
N VAL B 164 -14.65 7.33 12.47
CA VAL B 164 -14.66 5.99 11.88
C VAL B 164 -15.83 5.26 12.51
N ILE B 165 -16.93 5.12 11.76
CA ILE B 165 -18.13 4.49 12.26
C ILE B 165 -18.12 3.00 11.90
N GLN B 166 -18.22 2.18 12.94
CA GLN B 166 -18.22 0.73 12.82
C GLN B 166 -19.65 0.20 12.80
N PRO B 167 -19.85 -1.00 12.24
CA PRO B 167 -21.19 -1.59 12.31
C PRO B 167 -21.47 -2.13 13.71
N ASP B 168 -22.74 -2.19 14.08
CA ASP B 168 -23.11 -2.84 15.33
C ASP B 168 -22.65 -4.29 15.28
N VAL B 169 -22.45 -4.86 16.45
CA VAL B 169 -22.09 -6.27 16.59
C VAL B 169 -23.11 -7.13 15.84
N LEU B 170 -22.62 -8.15 15.16
CA LEU B 170 -23.48 -9.13 14.51
C LEU B 170 -23.70 -10.17 15.60
N SER B 171 -24.66 -9.90 16.47
CA SER B 171 -24.91 -10.71 17.65
C SER B 171 -25.70 -11.97 17.28
N LEU B 172 -25.09 -12.79 16.43
CA LEU B 172 -25.74 -13.97 15.86
C LEU B 172 -25.97 -15.08 16.90
N GLY B 173 -25.18 -15.08 17.97
CA GLY B 173 -25.33 -16.03 19.08
C GLY B 173 -26.39 -15.64 20.11
N ASP B 174 -27.01 -14.47 19.93
CA ASP B 174 -28.07 -13.95 20.79
C ASP B 174 -29.32 -13.74 19.94
N GLU B 175 -30.00 -14.85 19.62
CA GLU B 175 -31.21 -14.83 18.79
C GLU B 175 -32.33 -15.62 19.45
N PRO B 176 -32.83 -15.11 20.60
CA PRO B 176 -33.92 -15.77 21.28
C PRO B 176 -35.28 -15.54 20.64
N TYR B 177 -36.21 -16.43 20.96
CA TYR B 177 -37.60 -16.29 20.52
C TYR B 177 -38.23 -15.09 21.23
N GLU B 178 -39.12 -14.39 20.53
CA GLU B 178 -39.68 -13.14 21.02
C GLU B 178 -40.65 -13.33 22.20
N VAL B 179 -40.44 -12.57 23.27
CA VAL B 179 -41.33 -12.56 24.43
C VAL B 179 -42.04 -11.21 24.45
#